data_8J4W
#
_entry.id   8J4W
#
_cell.length_a   35.737
_cell.length_b   36.840
_cell.length_c   48.371
_cell.angle_alpha   90.000
_cell.angle_beta   111.530
_cell.angle_gamma   90.000
#
_symmetry.space_group_name_H-M   'P 1 21 1'
#
loop_
_entity.id
_entity.type
_entity.pdbx_description
1 polymer 'Protein NrdI'
2 non-polymer 'FLAVIN MONONUCLEOTIDE'
3 non-polymer 'SULFITE ION'
4 non-polymer 'HYDROGEN PEROXIDE'
5 non-polymer 'PEROXIDE ION'
6 non-polymer 'CHLORIDE ION'
7 water water
#
_entity_poly.entity_id   1
_entity_poly.type   'polypeptide(L)'
_entity_poly.pdbx_seq_one_letter_code
;VTVGGLVYFSSVSEYTHRFVEKLGLPATRIPLHGRIEVDEPYVLILPTYGGGRATPDINHGGYVPKQVIAFLNNEHNRSL
LRGVIAAGNTNFGAEFAYAGNVVSRKCGVPYLYRFELMGTPDDVEAVRAGLADFWKEQTCHLPSQLQSR
;
_entity_poly.pdbx_strand_id   C
#
# COMPACT_ATOMS: atom_id res chain seq x y z
N VAL A 3 -5.34 1.30 -16.99
CA VAL A 3 -4.32 1.48 -15.97
C VAL A 3 -4.85 1.09 -14.60
N GLY A 4 -4.01 0.45 -13.78
CA GLY A 4 -4.45 -0.01 -12.49
C GLY A 4 -4.72 1.13 -11.53
N GLY A 5 -5.58 0.85 -10.55
CA GLY A 5 -5.84 1.82 -9.51
C GLY A 5 -4.69 1.87 -8.52
N LEU A 6 -4.42 3.08 -8.04
CA LEU A 6 -3.41 3.28 -7.00
C LEU A 6 -3.99 4.22 -5.96
N VAL A 7 -3.83 3.87 -4.69
CA VAL A 7 -4.19 4.71 -3.56
C VAL A 7 -2.99 4.75 -2.65
N TYR A 8 -2.68 5.93 -2.11
CA TYR A 8 -1.53 6.02 -1.21
C TYR A 8 -1.80 6.98 -0.07
N PHE A 9 -0.96 6.87 0.95
CA PHE A 9 -0.91 7.84 2.04
C PHE A 9 0.51 8.36 2.18
N SER A 10 0.65 9.64 2.52
CA SER A 10 1.97 10.20 2.78
C SER A 10 1.81 11.29 3.84
N SER A 11 2.69 11.29 4.84
CA SER A 11 2.67 12.31 5.88
C SER A 11 3.41 13.56 5.40
N VAL A 12 3.67 14.48 6.34
CA VAL A 12 4.39 15.71 6.05
C VAL A 12 5.78 15.50 5.48
N SER A 13 6.41 14.35 5.75
CA SER A 13 7.71 14.13 5.15
C SER A 13 7.63 13.89 3.65
N GLU A 14 6.47 13.51 3.13
CA GLU A 14 6.20 13.45 1.69
C GLU A 14 7.01 12.40 0.95
N TYR A 15 7.60 11.42 1.63
CA TYR A 15 8.45 10.46 0.93
C TYR A 15 7.64 9.54 0.04
N THR A 16 6.49 9.05 0.52
CA THR A 16 5.65 8.20 -0.32
C THR A 16 5.07 9.00 -1.47
N HIS A 17 4.69 10.25 -1.22
CA HIS A 17 4.24 11.14 -2.27
C HIS A 17 5.31 11.29 -3.35
N ARG A 18 6.56 11.50 -2.93
CA ARG A 18 7.64 11.62 -3.90
C ARG A 18 7.80 10.34 -4.72
N PHE A 19 7.72 9.18 -4.06
CA PHE A 19 7.82 7.93 -4.81
C PHE A 19 6.72 7.82 -5.84
N VAL A 20 5.48 8.13 -5.44
CA VAL A 20 4.35 8.04 -6.36
C VAL A 20 4.53 8.99 -7.53
N GLU A 21 5.05 10.20 -7.28
CA GLU A 21 5.28 11.12 -8.39
C GLU A 21 6.31 10.57 -9.36
N LYS A 22 7.34 9.90 -8.86
CA LYS A 22 8.36 9.33 -9.73
C LYS A 22 7.80 8.17 -10.57
N LEU A 23 6.78 7.48 -10.05
CA LEU A 23 6.24 6.31 -10.75
C LEU A 23 5.69 6.66 -12.13
N GLY A 24 5.17 7.87 -12.30
CA GLY A 24 4.52 8.20 -13.55
C GLY A 24 3.24 7.43 -13.76
N LEU A 25 2.54 7.08 -12.69
CA LEU A 25 1.26 6.41 -12.72
C LEU A 25 0.31 7.23 -11.86
N PRO A 26 -0.94 7.39 -12.28
CA PRO A 26 -1.85 8.24 -11.52
C PRO A 26 -2.32 7.55 -10.24
N ALA A 27 -2.63 8.36 -9.23
CA ALA A 27 -2.95 7.81 -7.93
C ALA A 27 -3.85 8.77 -7.15
N THR A 28 -4.58 8.23 -6.19
CA THR A 28 -5.44 8.99 -5.28
C THR A 28 -4.80 8.97 -3.90
N ARG A 29 -4.74 10.14 -3.26
CA ARG A 29 -4.09 10.30 -1.97
C ARG A 29 -5.14 10.30 -0.87
N ILE A 30 -4.96 9.45 0.13
CA ILE A 30 -5.78 9.50 1.34
C ILE A 30 -5.39 10.74 2.14
N PRO A 31 -6.32 11.60 2.52
CA PRO A 31 -5.94 12.87 3.15
C PRO A 31 -5.57 12.71 4.62
N LEU A 32 -4.91 13.74 5.14
CA LEU A 32 -4.54 13.77 6.55
C LEU A 32 -5.76 13.62 7.45
N HIS A 33 -6.87 14.23 7.08
CA HIS A 33 -8.14 14.05 7.78
C HIS A 33 -9.26 14.06 6.75
N GLY A 34 -10.34 13.38 7.09
CA GLY A 34 -11.49 13.32 6.21
C GLY A 34 -11.59 12.00 5.48
N ARG A 35 -12.82 11.66 5.09
CA ARG A 35 -13.11 10.40 4.42
C ARG A 35 -13.14 10.59 2.91
N ILE A 36 -12.60 9.61 2.19
CA ILE A 36 -12.73 9.53 0.75
C ILE A 36 -13.18 8.13 0.36
N GLU A 37 -13.63 8.01 -0.89
CA GLU A 37 -14.12 6.77 -1.44
C GLU A 37 -13.55 6.60 -2.83
N VAL A 38 -13.31 5.36 -3.22
CA VAL A 38 -12.89 5.01 -4.58
C VAL A 38 -13.87 4.01 -5.16
N ASP A 39 -13.78 3.83 -6.48
CA ASP A 39 -14.76 3.00 -7.15
CA ASP A 39 -14.75 3.10 -7.29
C ASP A 39 -14.20 1.84 -7.95
N GLU A 40 -12.90 1.75 -8.12
CA GLU A 40 -12.35 0.68 -8.93
C GLU A 40 -11.15 0.05 -8.22
N PRO A 41 -10.77 -1.18 -8.60
CA PRO A 41 -9.76 -1.91 -7.85
C PRO A 41 -8.42 -1.20 -7.84
N TYR A 42 -7.69 -1.36 -6.74
CA TYR A 42 -6.44 -0.61 -6.58
C TYR A 42 -5.42 -1.40 -5.76
N VAL A 43 -4.16 -1.01 -5.94
CA VAL A 43 -3.09 -1.36 -5.02
C VAL A 43 -2.86 -0.17 -4.11
N LEU A 44 -2.64 -0.45 -2.82
CA LEU A 44 -2.39 0.55 -1.80
C LEU A 44 -0.89 0.67 -1.55
N ILE A 45 -0.37 1.89 -1.58
CA ILE A 45 1.01 2.18 -1.20
C ILE A 45 0.97 2.97 0.11
N LEU A 46 1.64 2.45 1.14
CA LEU A 46 1.58 3.12 2.43
C LEU A 46 2.90 3.03 3.18
N PRO A 47 3.24 4.07 3.94
CA PRO A 47 4.40 4.01 4.83
C PRO A 47 4.01 3.38 6.16
N THR A 48 5.04 3.16 6.97
CA THR A 48 4.91 2.50 8.28
C THR A 48 5.26 3.47 9.39
N TYR A 49 4.37 3.58 10.40
CA TYR A 49 4.68 4.39 11.57
C TYR A 49 4.77 3.50 12.80
N GLY A 50 4.68 4.11 13.98
CA GLY A 50 4.78 3.32 15.19
C GLY A 50 6.15 2.69 15.31
N GLY A 51 6.17 1.44 15.74
CA GLY A 51 7.42 0.70 15.76
C GLY A 51 8.22 0.91 17.02
N GLY A 52 9.47 0.41 16.97
CA GLY A 52 10.35 0.38 18.10
C GLY A 52 10.48 -0.97 18.76
N ARG A 53 9.63 -1.94 18.40
CA ARG A 53 9.61 -3.25 19.04
C ARG A 53 10.50 -4.20 18.26
N ALA A 54 11.63 -4.60 18.84
CA ALA A 54 12.64 -5.35 18.11
C ALA A 54 12.16 -6.72 17.67
N THR A 55 11.23 -7.32 18.40
CA THR A 55 10.58 -8.59 18.02
CA THR A 55 10.58 -8.59 18.02
C THR A 55 9.09 -8.31 17.89
N PRO A 56 8.65 -7.80 16.75
CA PRO A 56 7.29 -7.27 16.62
C PRO A 56 6.25 -8.36 16.39
N ASP A 57 4.99 -7.92 16.46
CA ASP A 57 3.81 -8.73 16.20
C ASP A 57 2.88 -7.91 15.31
N ILE A 58 2.27 -8.57 14.32
CA ILE A 58 1.44 -7.82 13.37
C ILE A 58 0.19 -7.25 14.01
N ASN A 59 -0.15 -7.68 15.21
CA ASN A 59 -1.34 -7.17 15.88
C ASN A 59 -1.07 -5.98 16.77
N HIS A 60 0.20 -5.67 17.04
CA HIS A 60 0.53 -4.47 17.80
C HIS A 60 0.20 -3.24 16.98
N GLY A 61 -0.64 -2.37 17.53
CA GLY A 61 -1.13 -1.25 16.77
C GLY A 61 -0.05 -0.22 16.48
N GLY A 62 -0.35 0.65 15.52
CA GLY A 62 0.48 1.81 15.24
C GLY A 62 1.27 1.73 13.96
N TYR A 63 1.42 0.57 13.33
CA TYR A 63 2.21 0.48 12.10
C TYR A 63 1.44 1.07 10.92
N VAL A 64 0.18 0.71 10.77
CA VAL A 64 -0.63 1.21 9.65
C VAL A 64 -1.10 2.61 10.00
N PRO A 65 -0.89 3.61 9.13
CA PRO A 65 -1.38 4.96 9.43
C PRO A 65 -2.87 4.93 9.75
N LYS A 66 -3.24 5.71 10.77
CA LYS A 66 -4.64 5.74 11.20
CA LYS A 66 -4.64 5.71 11.19
C LYS A 66 -5.57 6.10 10.06
N GLN A 67 -5.12 6.96 9.14
CA GLN A 67 -5.97 7.36 8.01
C GLN A 67 -6.19 6.19 7.06
N VAL A 68 -5.23 5.28 6.95
CA VAL A 68 -5.41 4.09 6.12
C VAL A 68 -6.40 3.14 6.77
N ILE A 69 -6.30 2.97 8.10
CA ILE A 69 -7.28 2.15 8.80
CA ILE A 69 -7.27 2.17 8.85
C ILE A 69 -8.69 2.69 8.57
N ALA A 70 -8.86 4.02 8.68
CA ALA A 70 -10.17 4.61 8.48
C ALA A 70 -10.66 4.41 7.04
N PHE A 71 -9.77 4.57 6.07
CA PHE A 71 -10.11 4.36 4.66
C PHE A 71 -10.60 2.93 4.43
N LEU A 72 -9.92 1.95 5.02
CA LEU A 72 -10.29 0.54 4.87
C LEU A 72 -11.46 0.13 5.74
N ASN A 73 -11.90 0.98 6.67
CA ASN A 73 -13.12 0.70 7.42
C ASN A 73 -14.37 0.90 6.56
N ASN A 74 -14.27 1.66 5.48
CA ASN A 74 -15.34 1.75 4.50
C ASN A 74 -15.38 0.44 3.72
N GLU A 75 -16.51 -0.27 3.82
CA GLU A 75 -16.57 -1.61 3.25
C GLU A 75 -16.35 -1.61 1.75
N HIS A 76 -16.81 -0.57 1.06
CA HIS A 76 -16.60 -0.52 -0.38
C HIS A 76 -15.13 -0.30 -0.72
N ASN A 77 -14.49 0.64 -0.03
CA ASN A 77 -13.04 0.83 -0.25
C ASN A 77 -12.30 -0.47 0.01
N ARG A 78 -12.63 -1.15 1.11
CA ARG A 78 -11.93 -2.36 1.48
C ARG A 78 -12.11 -3.45 0.44
N SER A 79 -13.33 -3.58 -0.10
CA SER A 79 -13.61 -4.64 -1.06
CA SER A 79 -13.60 -4.64 -1.05
C SER A 79 -12.74 -4.50 -2.31
N LEU A 80 -12.34 -3.28 -2.65
CA LEU A 80 -11.60 -2.98 -3.87
C LEU A 80 -10.09 -3.08 -3.73
N LEU A 81 -9.58 -3.29 -2.51
CA LEU A 81 -8.14 -3.47 -2.30
C LEU A 81 -7.69 -4.78 -2.92
N ARG A 82 -6.65 -4.73 -3.73
CA ARG A 82 -6.13 -5.93 -4.38
C ARG A 82 -4.69 -6.28 -4.00
N GLY A 83 -3.95 -5.39 -3.37
CA GLY A 83 -2.56 -5.68 -3.04
C GLY A 83 -1.99 -4.48 -2.32
N VAL A 84 -0.80 -4.67 -1.76
CA VAL A 84 -0.19 -3.62 -0.93
C VAL A 84 1.30 -3.53 -1.23
N ILE A 85 1.80 -2.28 -1.24
CA ILE A 85 3.20 -1.95 -1.32
C ILE A 85 3.50 -1.05 -0.13
N ALA A 86 4.59 -1.31 0.59
CA ALA A 86 4.85 -0.59 1.82
C ALA A 86 6.21 0.07 1.82
N ALA A 87 6.28 1.20 2.51
CA ALA A 87 7.52 1.91 2.70
C ALA A 87 7.90 1.93 4.17
N GLY A 88 9.20 2.12 4.39
CA GLY A 88 9.73 2.24 5.73
C GLY A 88 11.19 2.63 5.71
N ASN A 89 11.89 2.22 6.75
CA ASN A 89 13.29 2.51 7.01
C ASN A 89 13.93 1.24 7.54
N THR A 90 14.93 0.70 6.83
CA THR A 90 15.49 -0.59 7.25
C THR A 90 16.20 -0.52 8.60
N ASN A 91 16.48 0.68 9.13
CA ASN A 91 16.99 0.74 10.50
C ASN A 91 16.03 0.11 11.49
N PHE A 92 14.74 0.01 11.14
CA PHE A 92 13.76 -0.66 11.98
C PHE A 92 13.86 -2.18 11.95
N GLY A 93 14.71 -2.77 11.11
CA GLY A 93 15.01 -4.19 11.20
C GLY A 93 13.78 -5.06 11.01
N ALA A 94 13.42 -5.81 12.05
CA ALA A 94 12.26 -6.69 12.00
C ALA A 94 10.95 -5.95 11.84
N GLU A 95 10.96 -4.62 11.96
CA GLU A 95 9.77 -3.80 11.73
C GLU A 95 9.82 -3.06 10.40
N PHE A 96 10.81 -3.34 9.55
CA PHE A 96 10.93 -2.62 8.28
C PHE A 96 9.68 -2.78 7.43
N ALA A 97 9.06 -1.64 7.08
CA ALA A 97 7.91 -1.62 6.19
C ALA A 97 6.78 -2.51 6.70
N TYR A 98 6.67 -2.63 8.03
CA TYR A 98 5.76 -3.60 8.64
C TYR A 98 4.29 -3.32 8.33
N ALA A 99 3.94 -2.10 7.94
CA ALA A 99 2.57 -1.85 7.52
C ALA A 99 2.16 -2.75 6.37
N GLY A 100 3.11 -3.13 5.49
CA GLY A 100 2.80 -4.06 4.43
C GLY A 100 2.44 -5.43 4.97
N ASN A 101 3.20 -5.90 5.97
CA ASN A 101 2.88 -7.18 6.60
C ASN A 101 1.51 -7.13 7.24
N VAL A 102 1.18 -6.03 7.92
CA VAL A 102 -0.10 -5.94 8.61
C VAL A 102 -1.25 -5.97 7.60
N VAL A 103 -1.20 -5.11 6.57
CA VAL A 103 -2.28 -5.06 5.61
C VAL A 103 -2.39 -6.38 4.86
N SER A 104 -1.27 -6.93 4.40
CA SER A 104 -1.30 -8.17 3.61
CA SER A 104 -1.34 -8.16 3.60
C SER A 104 -1.94 -9.30 4.41
N ARG A 105 -1.53 -9.45 5.67
CA ARG A 105 -2.03 -10.56 6.46
C ARG A 105 -3.45 -10.33 6.94
N LYS A 106 -3.77 -9.12 7.42
CA LYS A 106 -5.08 -8.90 8.00
C LYS A 106 -6.15 -8.66 6.95
N CYS A 107 -5.77 -8.10 5.80
CA CYS A 107 -6.71 -7.88 4.71
C CYS A 107 -6.68 -8.98 3.65
N GLY A 108 -5.73 -9.92 3.75
CA GLY A 108 -5.73 -11.04 2.83
C GLY A 108 -5.43 -10.66 1.40
N VAL A 109 -4.44 -9.81 1.18
CA VAL A 109 -4.04 -9.41 -0.17
C VAL A 109 -2.54 -9.59 -0.30
N PRO A 110 -2.04 -9.77 -1.52
CA PRO A 110 -0.60 -9.93 -1.70
C PRO A 110 0.19 -8.69 -1.35
N TYR A 111 1.41 -8.95 -0.87
CA TYR A 111 2.41 -7.94 -0.52
C TYR A 111 3.35 -7.85 -1.72
N LEU A 112 3.18 -6.81 -2.54
CA LEU A 112 3.83 -6.77 -3.85
C LEU A 112 5.27 -6.32 -3.78
N TYR A 113 5.58 -5.37 -2.91
CA TYR A 113 6.89 -4.72 -2.93
C TYR A 113 7.04 -3.89 -1.69
N ARG A 114 8.28 -3.63 -1.31
CA ARG A 114 8.57 -2.69 -0.23
C ARG A 114 9.81 -1.89 -0.57
N PHE A 115 9.89 -0.69 -0.02
CA PHE A 115 11.02 0.20 -0.32
C PHE A 115 11.26 1.14 0.84
N GLU A 116 12.39 1.83 0.77
CA GLU A 116 12.81 2.75 1.82
C GLU A 116 12.56 4.18 1.38
N LEU A 117 11.94 4.97 2.26
CA LEU A 117 11.80 6.42 2.08
C LEU A 117 11.19 6.71 0.72
N MET A 118 11.80 7.58 -0.10
CA MET A 118 11.25 7.95 -1.39
C MET A 118 11.59 6.96 -2.49
N GLY A 119 12.29 5.87 -2.19
CA GLY A 119 12.61 4.84 -3.16
C GLY A 119 13.73 5.17 -4.12
N THR A 120 14.41 4.16 -4.59
CA THR A 120 15.50 4.32 -5.55
C THR A 120 14.96 4.24 -6.97
N PRO A 121 15.77 4.62 -7.96
CA PRO A 121 15.37 4.39 -9.36
C PRO A 121 15.03 2.93 -9.63
N ASP A 122 15.75 2.00 -9.01
CA ASP A 122 15.44 0.58 -9.19
C ASP A 122 14.09 0.22 -8.59
N ASP A 123 13.74 0.82 -7.44
CA ASP A 123 12.42 0.60 -6.86
C ASP A 123 11.33 1.13 -7.78
N VAL A 124 11.54 2.32 -8.36
CA VAL A 124 10.54 2.90 -9.26
C VAL A 124 10.28 1.97 -10.43
N GLU A 125 11.36 1.47 -11.04
CA GLU A 125 11.20 0.57 -12.18
CA GLU A 125 11.21 0.57 -12.18
C GLU A 125 10.57 -0.75 -11.77
N ALA A 126 10.97 -1.28 -10.60
CA ALA A 126 10.41 -2.56 -10.16
C ALA A 126 8.93 -2.44 -9.88
N VAL A 127 8.48 -1.30 -9.33
CA VAL A 127 7.07 -1.13 -9.04
C VAL A 127 6.28 -0.91 -10.32
N ARG A 128 6.83 -0.15 -11.26
CA ARG A 128 6.14 0.03 -12.53
C ARG A 128 5.92 -1.31 -13.21
N ALA A 129 6.97 -2.13 -13.27
CA ALA A 129 6.88 -3.44 -13.92
C ALA A 129 5.98 -4.37 -13.11
N GLY A 130 6.11 -4.33 -11.79
CA GLY A 130 5.32 -5.21 -10.95
C GLY A 130 3.85 -4.92 -11.02
N LEU A 131 3.47 -3.64 -11.05
CA LEU A 131 2.06 -3.29 -11.19
C LEU A 131 1.53 -3.70 -12.56
N ALA A 132 2.31 -3.51 -13.61
CA ALA A 132 1.87 -3.96 -14.92
C ALA A 132 1.62 -5.46 -14.93
N ASP A 133 2.55 -6.24 -14.38
CA ASP A 133 2.35 -7.69 -14.29
C ASP A 133 1.13 -8.03 -13.43
N PHE A 134 0.94 -7.29 -12.35
CA PHE A 134 -0.15 -7.58 -11.42
C PHE A 134 -1.50 -7.42 -12.12
N TRP A 135 -1.71 -6.29 -12.80
CA TRP A 135 -2.99 -6.07 -13.44
C TRP A 135 -3.18 -6.98 -14.64
N LYS A 136 -2.10 -7.33 -15.35
CA LYS A 136 -2.21 -8.30 -16.43
C LYS A 136 -2.72 -9.64 -15.92
N GLU A 137 -2.28 -10.05 -14.73
CA GLU A 137 -2.69 -11.34 -14.21
C GLU A 137 -4.20 -11.38 -13.96
N GLN A 138 -4.82 -10.23 -13.71
CA GLN A 138 -6.27 -10.23 -13.53
C GLN A 138 -7.02 -10.67 -14.78
N THR A 139 -6.41 -10.51 -15.96
CA THR A 139 -7.05 -10.99 -17.18
C THR A 139 -7.05 -12.50 -17.30
N CYS A 140 -6.45 -13.20 -16.36
CA CYS A 140 -6.53 -14.66 -16.28
C CYS A 140 -7.65 -15.11 -15.35
N HIS A 141 -8.46 -14.17 -14.86
CA HIS A 141 -9.54 -14.47 -13.92
C HIS A 141 -10.90 -14.07 -14.46
N LEU A 142 -11.03 -13.84 -15.77
CA LEU A 142 -12.25 -13.28 -16.32
C LEU A 142 -13.41 -14.28 -16.22
N PRO A 143 -14.64 -13.78 -16.19
CA PRO A 143 -15.81 -14.68 -16.17
C PRO A 143 -15.87 -15.52 -17.44
N SER A 144 -16.60 -16.64 -17.34
CA SER A 144 -16.91 -17.38 -18.55
C SER A 144 -17.84 -16.58 -19.44
N GLN A 145 -17.69 -16.75 -20.75
CA GLN A 145 -18.58 -16.17 -21.73
C GLN A 145 -19.62 -17.16 -22.23
N LEU A 146 -19.56 -18.42 -21.79
CA LEU A 146 -20.52 -19.43 -22.23
C LEU A 146 -21.88 -19.31 -21.54
#